data_6D8N
#
_entry.id   6D8N
#
_cell.length_a   76.650
_cell.length_b   130.880
_cell.length_c   146.430
_cell.angle_alpha   90.000
_cell.angle_beta   90.000
_cell.angle_gamma   90.000
#
_symmetry.space_group_name_H-M   'P 21 21 21'
#
loop_
_entity.id
_entity.type
_entity.pdbx_description
1 polymer 'Group I self-splicing intron'
2 non-polymer 'MAGNESIUM ION'
3 water water
#
_entity_poly.entity_id   1
_entity_poly.type   'polyribonucleotide'
_entity_poly.pdbx_seq_one_letter_code
;GAAUUGCGGGAAAGGGGUCAACAGCCGUUCAAUACCAAGUCUCAGGGGAAACUUUGAGAUGGCCUUGCAAAGGGUAUGGU
AAAAAAGCUGACGGACAUGGUCCUAACCACGCAGCCAAGUCCUAAGUCAACAGAUCUUCUGUUGAUAUGGAUGCAGUUC
;
_entity_poly.pdbx_strand_id   A,B
#